data_4ZQN
#
_entry.id   4ZQN
#
_cell.length_a   87.937
_cell.length_b   87.937
_cell.length_c   84.758
_cell.angle_alpha   90.00
_cell.angle_beta   90.00
_cell.angle_gamma   90.00
#
_symmetry.space_group_name_H-M   'I 4'
#
loop_
_entity.id
_entity.type
_entity.pdbx_description
1 polymer "Inosine-5'-monophosphate dehydrogenase,Inosine-5'-monophosphate dehydrogenase"
2 non-polymer 'INOSINIC ACID'
3 non-polymer 2-chloro-N,N-dimethyl-5-[({2-[3-(prop-1-en-2-yl)phenyl]propan-2-yl}carbamoyl)amino]benzamide
4 water water
#
_entity_poly.entity_id   1
_entity_poly.type   'polypeptide(L)'
_entity_poly.pdbx_seq_one_letter_code
;SNAMSRGMSGLEDSSDLVVSPYVRMGGLTTDPVPTGGDDPHKVAMLGLTFDDVLLLPAASDVVPATADTSSQLTKKIRLK
VPLVSSAMDTVTESRMAIAMARAGGMGVLHRNLPVAEQAGQVEMVKRSGGLLVGAAVGVGGDAWVRAMMLVDAGVDVLVV
DTAHAHNRLVLDMVGKLKSEVGDRVEVVGGNVATRSAAAALVDAGADAVKVGVGPGSICTTRVVAGVGAPQITAILEAVA
ACRPAGVPVIADGGLQYSGDIAKALAAGASTAMLGSLLAGTAEAPGELIFVNGKQYKSYRGMGSLGAMRGRGGATSYSKD
RYFADDALSEDKLVPEGIEGRVPFRGPLSSVIHQLTGGLRAAMGYTGSPTIEVLQQAQFVRITPAGLKESHPHDVAMTVE
APNYYAR
;
_entity_poly.pdbx_strand_id   A
#
loop_
_chem_comp.id
_chem_comp.type
_chem_comp.name
_chem_comp.formula
4QO non-polymer 2-chloro-N,N-dimethyl-5-[({2-[3-(prop-1-en-2-yl)phenyl]propan-2-yl}carbamoyl)amino]benzamide 'C22 H26 Cl N3 O2'
IMP non-polymer 'INOSINIC ACID' 'C10 H13 N4 O8 P'
#
# COMPACT_ATOMS: atom_id res chain seq x y z
N ASP A 31 5.32 16.94 -39.39
CA ASP A 31 6.12 15.74 -39.23
C ASP A 31 5.74 15.01 -37.94
N PRO A 32 5.77 13.68 -37.95
CA PRO A 32 5.13 12.93 -36.86
C PRO A 32 5.83 13.01 -35.51
N VAL A 33 5.08 12.61 -34.49
CA VAL A 33 5.61 12.30 -33.17
C VAL A 33 6.43 11.03 -33.38
N PRO A 34 7.63 10.94 -32.76
CA PRO A 34 8.55 9.81 -32.96
C PRO A 34 7.93 8.44 -32.74
N THR A 35 7.01 8.32 -31.80
CA THR A 35 6.41 7.01 -31.53
C THR A 35 5.14 6.73 -32.34
N GLY A 36 4.69 7.71 -33.12
CA GLY A 36 3.54 7.52 -34.00
C GLY A 36 2.47 8.60 -33.94
N GLY A 37 1.87 8.90 -35.09
CA GLY A 37 0.78 9.84 -35.16
C GLY A 37 1.20 11.30 -35.04
N ASP A 38 0.23 12.20 -35.09
CA ASP A 38 0.48 13.62 -35.00
C ASP A 38 0.01 14.26 -33.68
N ASP A 39 -0.11 13.45 -32.62
CA ASP A 39 -0.58 13.95 -31.31
C ASP A 39 0.50 13.73 -30.24
N PRO A 40 1.20 14.80 -29.86
CA PRO A 40 2.30 14.69 -28.88
C PRO A 40 1.83 14.26 -27.50
N HIS A 41 0.52 14.32 -27.23
CA HIS A 41 -0.02 13.96 -25.92
C HIS A 41 -0.65 12.56 -25.87
N LYS A 42 -0.67 11.87 -26.99
CA LYS A 42 -1.25 10.55 -27.04
C LYS A 42 -0.47 9.59 -26.14
N VAL A 43 0.84 9.67 -26.16
CA VAL A 43 1.63 9.01 -25.15
C VAL A 43 2.05 10.11 -24.20
N ALA A 44 1.29 10.24 -23.11
CA ALA A 44 1.39 11.36 -22.18
C ALA A 44 2.70 11.49 -21.42
N MET A 45 3.25 10.37 -21.00
CA MET A 45 4.48 10.35 -20.24
C MET A 45 5.19 9.00 -20.22
N LEU A 46 6.40 9.00 -19.67
CA LEU A 46 7.17 7.79 -19.48
C LEU A 46 7.10 7.34 -18.03
N GLY A 47 6.66 6.10 -17.83
CA GLY A 47 6.38 5.59 -16.51
C GLY A 47 7.48 4.76 -15.91
N LEU A 48 7.89 5.15 -14.71
CA LEU A 48 8.93 4.48 -13.96
C LEU A 48 8.37 3.66 -12.81
N THR A 49 8.87 2.46 -12.65
CA THR A 49 8.55 1.64 -11.49
C THR A 49 9.73 1.57 -10.54
N PHE A 50 9.59 0.83 -9.44
CA PHE A 50 10.60 0.81 -8.40
C PHE A 50 11.96 0.35 -8.94
N ASP A 51 11.94 -0.67 -9.80
CA ASP A 51 13.14 -1.24 -10.39
C ASP A 51 13.90 -0.32 -11.36
N ASP A 52 13.24 0.69 -11.88
CA ASP A 52 13.85 1.66 -12.79
C ASP A 52 14.71 2.73 -12.10
N VAL A 53 14.68 2.77 -10.77
CA VAL A 53 15.34 3.86 -10.03
C VAL A 53 16.07 3.41 -8.77
N LEU A 54 17.09 4.18 -8.38
CA LEU A 54 17.75 4.00 -7.09
C LEU A 54 17.78 5.37 -6.41
N LEU A 55 17.84 5.37 -5.07
CA LEU A 55 18.05 6.59 -4.31
C LEU A 55 19.51 7.01 -4.39
N LEU A 56 19.78 8.31 -4.46
CA LEU A 56 21.17 8.78 -4.48
C LEU A 56 21.64 9.05 -3.07
N PRO A 57 22.83 8.53 -2.71
CA PRO A 57 23.40 8.87 -1.40
C PRO A 57 23.60 10.37 -1.31
N ALA A 58 23.48 10.95 -0.12
CA ALA A 58 23.72 12.38 0.04
C ALA A 58 24.54 12.67 1.29
N ALA A 59 24.85 13.93 1.52
CA ALA A 59 25.56 14.30 2.73
C ALA A 59 24.71 13.87 3.93
N SER A 60 25.32 13.20 4.88
CA SER A 60 24.56 12.72 6.02
C SER A 60 25.20 12.93 7.38
N ASP A 61 24.40 13.43 8.31
CA ASP A 61 24.74 13.40 9.72
C ASP A 61 23.82 12.42 10.44
N VAL A 62 23.26 11.50 9.67
CA VAL A 62 22.31 10.53 10.18
C VAL A 62 22.87 9.13 10.09
N VAL A 63 22.80 8.37 11.18
CA VAL A 63 23.14 6.95 11.09
C VAL A 63 21.83 6.18 11.22
N PRO A 64 21.79 4.94 10.68
CA PRO A 64 20.54 4.17 10.69
C PRO A 64 19.85 4.16 12.05
N ALA A 65 20.61 3.96 13.12
CA ALA A 65 20.02 3.91 14.47
C ALA A 65 19.28 5.19 14.88
N THR A 66 19.70 6.34 14.36
CA THR A 66 19.12 7.61 14.83
C THR A 66 18.03 8.15 13.92
N ALA A 67 17.77 7.48 12.80
CA ALA A 67 16.67 7.89 11.93
C ALA A 67 15.33 7.77 12.69
N ASP A 68 14.39 8.66 12.40
CA ASP A 68 13.05 8.59 12.98
C ASP A 68 12.12 8.18 11.86
N THR A 69 11.49 7.02 12.02
CA THR A 69 10.67 6.44 10.97
C THR A 69 9.17 6.82 11.00
N SER A 70 8.75 7.66 11.95
CA SER A 70 7.33 8.02 12.04
C SER A 70 6.83 8.76 10.78
N SER A 71 5.52 8.68 10.52
CA SER A 71 4.95 9.32 9.32
C SER A 71 3.41 9.37 9.36
N GLN A 72 2.83 10.31 8.62
CA GLN A 72 1.37 10.42 8.57
C GLN A 72 0.72 9.32 7.76
N LEU A 73 -0.18 8.58 8.37
CA LEU A 73 -1.07 7.70 7.62
C LEU A 73 -2.14 8.53 6.93
N THR A 74 -2.79 9.37 7.72
CA THR A 74 -3.80 10.29 7.22
C THR A 74 -3.46 11.65 7.80
N LYS A 75 -4.32 12.64 7.57
CA LYS A 75 -4.09 13.97 8.12
C LYS A 75 -4.05 13.96 9.65
N LYS A 76 -4.82 13.08 10.28
CA LYS A 76 -4.95 13.11 11.74
C LYS A 76 -4.15 12.03 12.45
N ILE A 77 -3.74 11.01 11.70
CA ILE A 77 -3.13 9.82 12.29
C ILE A 77 -1.68 9.68 11.85
N ARG A 78 -0.77 9.69 12.81
CA ARG A 78 0.65 9.49 12.57
C ARG A 78 1.02 8.10 13.08
N LEU A 79 1.77 7.35 12.27
CA LEU A 79 2.23 6.02 12.66
C LEU A 79 3.71 6.05 13.08
N LYS A 80 4.11 5.12 13.95
CA LYS A 80 5.51 5.03 14.38
C LYS A 80 6.35 4.37 13.28
N VAL A 81 5.72 3.48 12.52
CA VAL A 81 6.37 2.78 11.43
C VAL A 81 5.44 2.95 10.22
N PRO A 82 5.98 3.42 9.08
CA PRO A 82 5.09 3.88 8.01
C PRO A 82 4.58 2.75 7.13
N LEU A 83 4.03 1.73 7.77
CA LEU A 83 3.59 0.54 7.07
C LEU A 83 2.17 0.10 7.46
N VAL A 84 1.40 -0.30 6.46
CA VAL A 84 0.03 -0.75 6.63
C VAL A 84 -0.12 -2.10 5.92
N SER A 85 -0.86 -3.04 6.50
CA SER A 85 -1.09 -4.32 5.81
C SER A 85 -2.34 -4.22 4.94
N SER A 86 -2.30 -4.90 3.78
CA SER A 86 -3.35 -4.84 2.79
C SER A 86 -4.67 -5.40 3.28
N ALA A 87 -5.75 -4.80 2.82
CA ALA A 87 -7.10 -5.32 3.10
C ALA A 87 -7.45 -6.50 2.21
N MET A 88 -6.84 -7.66 2.49
CA MET A 88 -7.05 -8.86 1.67
C MET A 88 -7.33 -10.05 2.56
N ASP A 89 -8.14 -10.99 2.12
CA ASP A 89 -8.55 -12.11 2.96
C ASP A 89 -7.43 -13.10 3.28
N THR A 90 -6.31 -12.99 2.58
CA THR A 90 -5.14 -13.76 2.91
C THR A 90 -4.09 -12.95 3.66
N VAL A 91 -4.42 -11.72 4.05
CA VAL A 91 -3.44 -10.88 4.71
C VAL A 91 -3.86 -10.32 6.07
N THR A 92 -4.98 -9.63 6.13
CA THR A 92 -5.35 -8.96 7.36
C THR A 92 -6.71 -9.33 7.94
N GLU A 93 -6.66 -10.00 9.08
CA GLU A 93 -7.77 -10.26 9.97
C GLU A 93 -7.27 -9.81 11.34
N SER A 94 -8.05 -9.96 12.39
CA SER A 94 -7.74 -9.29 13.65
C SER A 94 -6.32 -9.57 14.16
N ARG A 95 -5.83 -10.78 13.95
CA ARG A 95 -4.50 -11.14 14.42
C ARG A 95 -3.41 -10.29 13.78
N MET A 96 -3.49 -10.09 12.46
CA MET A 96 -2.54 -9.25 11.76
C MET A 96 -2.71 -7.79 12.17
N ALA A 97 -3.95 -7.34 12.32
CA ALA A 97 -4.19 -5.95 12.69
C ALA A 97 -3.59 -5.63 14.06
N ILE A 98 -3.79 -6.54 15.01
CA ILE A 98 -3.19 -6.44 16.32
C ILE A 98 -1.65 -6.41 16.26
N ALA A 99 -1.04 -7.37 15.58
CA ALA A 99 0.41 -7.42 15.51
C ALA A 99 0.99 -6.20 14.77
N MET A 100 0.35 -5.78 13.69
CA MET A 100 0.76 -4.57 12.97
C MET A 100 0.74 -3.33 13.84
N ALA A 101 -0.36 -3.12 14.57
CA ALA A 101 -0.50 -1.95 15.43
C ALA A 101 0.56 -1.94 16.54
N ARG A 102 0.83 -3.11 17.12
CA ARG A 102 1.83 -3.25 18.16
C ARG A 102 3.25 -3.02 17.61
N ALA A 103 3.47 -3.34 16.35
CA ALA A 103 4.74 -3.06 15.68
C ALA A 103 4.87 -1.59 15.27
N GLY A 104 3.84 -0.80 15.54
CA GLY A 104 3.91 0.63 15.28
C GLY A 104 3.31 1.02 13.94
N GLY A 105 2.77 0.02 13.22
CA GLY A 105 2.07 0.29 11.97
C GLY A 105 0.55 0.21 12.11
N MET A 106 -0.11 -0.30 11.08
CA MET A 106 -1.56 -0.49 11.17
C MET A 106 -2.00 -1.57 10.20
N GLY A 107 -3.14 -2.17 10.48
CA GLY A 107 -3.75 -3.10 9.55
C GLY A 107 -5.08 -2.60 9.04
N VAL A 108 -5.44 -2.98 7.82
CA VAL A 108 -6.76 -2.71 7.30
C VAL A 108 -7.49 -4.03 7.11
N LEU A 109 -8.54 -4.23 7.90
CA LEU A 109 -9.31 -5.46 7.84
C LEU A 109 -10.08 -5.58 6.52
N HIS A 110 -9.90 -6.72 5.86
CA HIS A 110 -10.57 -6.98 4.59
C HIS A 110 -12.08 -7.05 4.73
N ARG A 111 -12.77 -6.84 3.62
CA ARG A 111 -14.22 -6.81 3.58
C ARG A 111 -14.87 -8.02 2.95
N ASN A 112 -14.11 -9.09 2.72
CA ASN A 112 -14.66 -10.29 2.12
C ASN A 112 -15.25 -11.18 3.21
N LEU A 113 -16.08 -10.59 4.06
CA LEU A 113 -16.82 -11.29 5.09
C LEU A 113 -18.05 -10.49 5.50
N PRO A 114 -18.95 -11.15 6.21
CA PRO A 114 -20.23 -10.55 6.57
C PRO A 114 -19.99 -9.34 7.45
N VAL A 115 -20.90 -8.38 7.43
CA VAL A 115 -20.69 -7.12 8.11
C VAL A 115 -20.48 -7.32 9.62
N ALA A 116 -21.30 -8.18 10.23
CA ALA A 116 -21.14 -8.49 11.64
C ALA A 116 -19.76 -9.07 12.01
N GLU A 117 -19.17 -9.91 11.17
CA GLU A 117 -17.85 -10.43 11.50
C GLU A 117 -16.75 -9.39 11.35
N GLN A 118 -16.82 -8.55 10.32
CA GLN A 118 -15.83 -7.49 10.10
C GLN A 118 -15.84 -6.52 11.28
N ALA A 119 -17.04 -6.10 11.67
CA ALA A 119 -17.20 -5.19 12.80
C ALA A 119 -16.74 -5.86 14.10
N GLY A 120 -17.03 -7.16 14.22
CA GLY A 120 -16.57 -7.93 15.37
C GLY A 120 -15.05 -7.98 15.44
N GLN A 121 -14.39 -8.05 14.30
CA GLN A 121 -12.93 -8.09 14.32
C GLN A 121 -12.36 -6.73 14.69
N VAL A 122 -13.09 -5.66 14.34
CA VAL A 122 -12.72 -4.33 14.78
C VAL A 122 -12.77 -4.27 16.32
N GLU A 123 -13.82 -4.87 16.88
CA GLU A 123 -13.97 -4.95 18.34
C GLU A 123 -12.85 -5.75 19.00
N MET A 124 -12.49 -6.90 18.43
CA MET A 124 -11.36 -7.69 18.92
C MET A 124 -10.05 -6.91 18.95
N VAL A 125 -9.84 -6.03 17.97
CA VAL A 125 -8.62 -5.26 17.93
C VAL A 125 -8.64 -4.12 18.97
N LYS A 126 -9.74 -3.39 19.05
CA LYS A 126 -9.83 -2.26 19.98
C LYS A 126 -9.78 -2.73 21.43
N ARG A 127 -10.08 -4.01 21.66
CA ARG A 127 -10.09 -4.57 22.99
C ARG A 127 -8.74 -5.19 23.36
N SER A 128 -7.72 -4.93 22.54
CA SER A 128 -6.38 -5.42 22.81
C SER A 128 -5.46 -4.29 23.24
N GLY A 129 -6.04 -3.23 23.79
CA GLY A 129 -5.27 -2.13 24.33
C GLY A 129 -5.28 -0.83 23.54
N GLY A 130 -6.44 -0.46 23.01
CA GLY A 130 -6.58 0.80 22.28
C GLY A 130 -5.73 0.91 21.02
N LEU A 131 -5.52 -0.22 20.37
CA LEU A 131 -4.75 -0.29 19.13
C LEU A 131 -5.50 0.40 17.99
N LEU A 132 -4.74 1.00 17.08
CA LEU A 132 -5.28 1.56 15.83
C LEU A 132 -5.74 0.46 14.89
N VAL A 133 -6.78 0.74 14.11
CA VAL A 133 -7.25 -0.22 13.12
C VAL A 133 -8.07 0.45 12.03
N GLY A 134 -7.93 -0.05 10.81
CA GLY A 134 -8.74 0.40 9.69
C GLY A 134 -9.58 -0.73 9.16
N ALA A 135 -10.52 -0.40 8.29
CA ALA A 135 -11.36 -1.41 7.68
C ALA A 135 -11.74 -0.93 6.30
N ALA A 136 -11.78 -1.86 5.34
CA ALA A 136 -12.20 -1.51 3.99
C ALA A 136 -13.71 -1.61 3.81
N VAL A 137 -14.25 -0.76 2.93
CA VAL A 137 -15.63 -0.84 2.48
C VAL A 137 -15.62 -0.63 0.98
N GLY A 138 -16.66 -1.09 0.30
CA GLY A 138 -16.82 -0.85 -1.12
C GLY A 138 -17.68 0.38 -1.37
N VAL A 139 -18.42 0.39 -2.47
CA VAL A 139 -19.36 1.48 -2.71
C VAL A 139 -20.83 0.99 -2.84
N GLY A 140 -21.77 1.73 -2.25
CA GLY A 140 -23.18 1.37 -2.32
C GLY A 140 -23.89 1.36 -0.97
N GLY A 141 -25.19 1.07 -0.96
CA GLY A 141 -25.97 1.01 0.26
C GLY A 141 -25.50 -0.05 1.26
N ASP A 142 -25.15 -1.23 0.75
CA ASP A 142 -24.59 -2.28 1.60
C ASP A 142 -23.23 -1.87 2.17
N ALA A 143 -22.42 -1.24 1.32
CA ALA A 143 -21.17 -0.65 1.75
C ALA A 143 -21.45 0.46 2.76
N TRP A 144 -22.56 1.17 2.60
CA TRP A 144 -22.92 2.20 3.57
C TRP A 144 -23.25 1.63 4.96
N VAL A 145 -24.05 0.56 4.98
CA VAL A 145 -24.41 -0.13 6.21
C VAL A 145 -23.16 -0.72 6.86
N ARG A 146 -22.27 -1.27 6.03
CA ARG A 146 -21.01 -1.81 6.53
C ARG A 146 -20.20 -0.71 7.20
N ALA A 147 -20.05 0.42 6.53
CA ALA A 147 -19.30 1.53 7.11
C ALA A 147 -19.87 2.00 8.45
N MET A 148 -21.20 2.05 8.55
CA MET A 148 -21.84 2.53 9.79
C MET A 148 -21.61 1.56 10.93
N MET A 149 -21.56 0.26 10.62
CA MET A 149 -21.31 -0.72 11.68
C MET A 149 -19.85 -0.66 12.12
N LEU A 150 -18.95 -0.44 11.16
CA LEU A 150 -17.53 -0.28 11.47
C LEU A 150 -17.27 0.94 12.35
N VAL A 151 -17.90 2.07 12.01
CA VAL A 151 -17.74 3.29 12.79
C VAL A 151 -18.24 3.12 14.23
N ASP A 152 -19.40 2.47 14.39
CA ASP A 152 -19.92 2.10 15.70
C ASP A 152 -19.00 1.16 16.49
N ALA A 153 -18.31 0.25 15.80
CA ALA A 153 -17.37 -0.65 16.47
C ALA A 153 -16.10 0.09 16.90
N GLY A 154 -15.94 1.34 16.45
CA GLY A 154 -14.80 2.15 16.87
C GLY A 154 -13.62 2.18 15.93
N VAL A 155 -13.85 1.88 14.65
CA VAL A 155 -12.76 1.88 13.67
C VAL A 155 -12.16 3.29 13.59
N ASP A 156 -10.86 3.36 13.35
CA ASP A 156 -10.19 4.65 13.26
C ASP A 156 -10.12 5.20 11.83
N VAL A 157 -10.00 4.31 10.85
CA VAL A 157 -9.86 4.69 9.44
C VAL A 157 -10.79 3.84 8.59
N LEU A 158 -11.66 4.47 7.83
CA LEU A 158 -12.40 3.78 6.77
C LEU A 158 -11.66 3.87 5.45
N VAL A 159 -11.38 2.74 4.82
CA VAL A 159 -10.72 2.73 3.52
C VAL A 159 -11.73 2.39 2.42
N VAL A 160 -12.10 3.37 1.61
CA VAL A 160 -12.95 3.13 0.45
C VAL A 160 -12.09 2.49 -0.64
N ASP A 161 -12.36 1.20 -0.89
CA ASP A 161 -11.38 0.25 -1.41
C ASP A 161 -11.82 -0.26 -2.78
N THR A 162 -11.45 0.46 -3.85
CA THR A 162 -11.96 0.18 -5.20
C THR A 162 -10.87 0.16 -6.26
N ALA A 163 -11.19 -0.48 -7.38
CA ALA A 163 -10.30 -0.58 -8.51
C ALA A 163 -9.98 0.78 -9.12
N HIS A 164 -10.99 1.64 -9.21
CA HIS A 164 -10.84 2.89 -9.90
C HIS A 164 -11.49 4.05 -9.14
N ALA A 165 -10.70 4.75 -8.34
CA ALA A 165 -11.17 5.85 -7.50
C ALA A 165 -11.65 7.05 -8.29
N HIS A 166 -11.17 7.19 -9.51
CA HIS A 166 -11.60 8.30 -10.35
C HIS A 166 -13.03 8.11 -10.84
N ASN A 167 -13.61 6.95 -10.61
CA ASN A 167 -15.00 6.76 -10.99
C ASN A 167 -15.94 7.54 -10.07
N ARG A 168 -16.99 8.08 -10.66
CA ARG A 168 -17.87 9.03 -10.01
C ARG A 168 -18.51 8.44 -8.74
N LEU A 169 -18.84 7.17 -8.77
CA LEU A 169 -19.47 6.50 -7.62
C LEU A 169 -18.55 6.50 -6.41
N VAL A 170 -17.27 6.26 -6.66
CA VAL A 170 -16.31 6.25 -5.58
C VAL A 170 -16.15 7.65 -5.00
N LEU A 171 -16.08 8.67 -5.85
CA LEU A 171 -15.84 10.03 -5.33
C LEU A 171 -17.02 10.48 -4.49
N ASP A 172 -18.22 10.09 -4.90
CA ASP A 172 -19.43 10.43 -4.16
C ASP A 172 -19.47 9.70 -2.83
N MET A 173 -19.06 8.43 -2.82
CA MET A 173 -19.06 7.63 -1.60
C MET A 173 -18.05 8.20 -0.61
N VAL A 174 -16.87 8.59 -1.10
CA VAL A 174 -15.89 9.25 -0.23
C VAL A 174 -16.48 10.53 0.36
N GLY A 175 -17.05 11.36 -0.50
CA GLY A 175 -17.63 12.62 -0.05
C GLY A 175 -18.72 12.45 1.00
N LYS A 176 -19.62 11.51 0.77
CA LYS A 176 -20.73 11.30 1.71
C LYS A 176 -20.30 10.77 3.08
N LEU A 177 -19.33 9.85 3.10
CA LEU A 177 -18.78 9.36 4.36
C LEU A 177 -18.12 10.52 5.09
N LYS A 178 -17.33 11.27 4.34
CA LYS A 178 -16.69 12.45 4.89
C LYS A 178 -17.67 13.41 5.55
N SER A 179 -18.74 13.77 4.86
CA SER A 179 -19.68 14.71 5.47
C SER A 179 -20.44 14.06 6.63
N GLU A 180 -20.76 12.78 6.52
CA GLU A 180 -21.57 12.13 7.56
C GLU A 180 -20.81 11.80 8.83
N VAL A 181 -19.72 11.06 8.71
N VAL A 181 -19.75 11.01 8.72
CA VAL A 181 -18.94 10.61 9.86
CA VAL A 181 -18.95 10.65 9.91
C VAL A 181 -17.51 11.12 9.86
C VAL A 181 -17.80 11.63 10.14
N GLY A 182 -17.26 12.23 9.16
N GLY A 182 -16.86 11.67 9.19
CA GLY A 182 -15.92 12.72 8.98
CA GLY A 182 -15.79 12.66 9.13
C GLY A 182 -15.22 13.20 10.23
C GLY A 182 -15.18 13.20 10.42
N ASP A 183 -15.97 13.69 11.21
N ASP A 183 -16.02 13.78 11.27
CA ASP A 183 -15.38 14.15 12.45
CA ASP A 183 -15.59 14.21 12.59
C ASP A 183 -15.04 12.98 13.39
C ASP A 183 -15.07 13.00 13.38
N ARG A 184 -15.85 11.93 13.36
CA ARG A 184 -15.59 10.68 14.04
C ARG A 184 -14.38 9.89 13.54
N VAL A 185 -14.16 9.88 12.23
CA VAL A 185 -13.28 8.87 11.62
C VAL A 185 -12.52 9.43 10.42
N GLU A 186 -11.38 8.84 10.09
CA GLU A 186 -10.65 9.24 8.89
C GLU A 186 -11.14 8.46 7.68
N VAL A 187 -11.16 9.12 6.53
CA VAL A 187 -11.62 8.44 5.31
C VAL A 187 -10.58 8.51 4.23
N VAL A 188 -10.12 7.32 3.83
CA VAL A 188 -9.11 7.19 2.80
C VAL A 188 -9.81 6.72 1.52
N GLY A 189 -9.29 7.14 0.37
CA GLY A 189 -9.84 6.74 -0.92
C GLY A 189 -8.78 6.14 -1.82
N GLY A 190 -9.14 5.09 -2.56
CA GLY A 190 -8.22 4.50 -3.52
C GLY A 190 -8.99 3.56 -4.43
N ASN A 191 -8.36 3.10 -5.49
CA ASN A 191 -6.99 3.45 -5.81
C ASN A 191 -6.85 4.39 -7.00
N VAL A 192 -5.79 5.17 -7.03
CA VAL A 192 -5.55 6.09 -8.11
C VAL A 192 -4.14 5.94 -8.71
N ALA A 193 -3.98 6.33 -9.95
CA ALA A 193 -2.68 6.30 -10.61
C ALA A 193 -2.30 7.59 -11.33
N THR A 194 -3.09 8.65 -11.14
CA THR A 194 -2.89 9.91 -11.83
C THR A 194 -3.03 11.13 -10.92
N ARG A 195 -2.47 12.24 -11.36
CA ARG A 195 -2.61 13.49 -10.65
C ARG A 195 -4.06 13.95 -10.60
N SER A 196 -4.77 13.90 -11.72
CA SER A 196 -6.15 14.36 -11.73
C SER A 196 -7.06 13.52 -10.83
N ALA A 197 -6.80 12.22 -10.75
CA ALA A 197 -7.62 11.39 -9.87
C ALA A 197 -7.35 11.70 -8.38
N ALA A 198 -6.10 11.90 -8.03
CA ALA A 198 -5.75 12.27 -6.66
C ALA A 198 -6.32 13.63 -6.33
N ALA A 199 -6.32 14.56 -7.29
CA ALA A 199 -6.88 15.88 -7.07
C ALA A 199 -8.39 15.77 -6.85
N ALA A 200 -9.04 14.81 -7.52
CA ALA A 200 -10.48 14.65 -7.38
C ALA A 200 -10.87 14.10 -5.99
N LEU A 201 -10.06 13.16 -5.48
CA LEU A 201 -10.27 12.62 -4.14
C LEU A 201 -10.06 13.69 -3.06
N VAL A 202 -9.06 14.55 -3.27
CA VAL A 202 -8.80 15.66 -2.36
C VAL A 202 -9.96 16.63 -2.29
N ASP A 203 -10.55 16.96 -3.45
CA ASP A 203 -11.72 17.84 -3.46
C ASP A 203 -12.97 17.15 -2.92
N ALA A 204 -12.95 15.81 -2.88
CA ALA A 204 -14.06 15.05 -2.29
C ALA A 204 -13.90 14.95 -0.79
N GLY A 205 -12.73 15.33 -0.28
CA GLY A 205 -12.51 15.40 1.15
C GLY A 205 -11.71 14.25 1.74
N ALA A 206 -11.00 13.53 0.89
CA ALA A 206 -10.18 12.41 1.35
C ALA A 206 -9.14 12.84 2.39
N ASP A 207 -8.95 12.03 3.43
CA ASP A 207 -7.95 12.32 4.45
C ASP A 207 -6.60 11.72 4.08
N ALA A 208 -6.62 10.79 3.12
CA ALA A 208 -5.42 10.27 2.49
C ALA A 208 -5.81 9.66 1.14
N VAL A 209 -4.85 9.60 0.23
CA VAL A 209 -5.08 9.05 -1.11
C VAL A 209 -4.19 7.83 -1.37
N LYS A 210 -4.79 6.70 -1.73
CA LYS A 210 -4.03 5.49 -1.92
C LYS A 210 -3.75 5.24 -3.40
N VAL A 211 -2.48 5.00 -3.70
CA VAL A 211 -2.00 4.98 -5.06
C VAL A 211 -1.54 3.61 -5.49
N GLY A 212 -2.05 3.19 -6.63
CA GLY A 212 -1.65 1.94 -7.21
C GLY A 212 -2.75 1.29 -8.00
N VAL A 213 -2.66 1.44 -9.32
CA VAL A 213 -3.50 0.69 -10.22
C VAL A 213 -2.62 -0.25 -11.03
N GLY A 214 -2.76 -1.53 -10.74
CA GLY A 214 -2.02 -2.57 -11.42
C GLY A 214 -0.63 -3.00 -10.97
N PRO A 215 -0.01 -2.40 -9.96
CA PRO A 215 1.33 -2.89 -9.64
C PRO A 215 1.33 -4.11 -8.72
N GLY A 216 0.17 -4.48 -8.17
CA GLY A 216 0.11 -5.60 -7.23
C GLY A 216 0.72 -6.89 -7.75
N SER A 217 1.39 -7.63 -6.87
CA SER A 217 2.03 -8.87 -7.25
C SER A 217 1.03 -9.91 -7.75
N ILE A 218 -0.21 -9.84 -7.25
CA ILE A 218 -1.23 -10.80 -7.63
C ILE A 218 -2.25 -10.16 -8.57
N CYS A 219 -1.95 -8.96 -9.04
CA CYS A 219 -2.88 -8.18 -9.85
C CYS A 219 -2.74 -8.52 -11.33
N THR A 220 -3.85 -8.57 -12.06
CA THR A 220 -3.75 -8.78 -13.51
C THR A 220 -4.44 -7.69 -14.32
N THR A 221 -4.73 -6.57 -13.67
CA THR A 221 -5.39 -5.45 -14.33
C THR A 221 -4.65 -4.98 -15.57
N ARG A 222 -3.33 -4.88 -15.49
CA ARG A 222 -2.57 -4.34 -16.62
C ARG A 222 -2.61 -5.27 -17.82
N VAL A 223 -2.89 -6.54 -17.58
CA VAL A 223 -2.92 -7.54 -18.63
C VAL A 223 -4.34 -7.79 -19.15
N VAL A 224 -5.31 -7.74 -18.24
CA VAL A 224 -6.71 -8.04 -18.54
C VAL A 224 -7.40 -6.80 -19.14
N ALA A 225 -7.11 -5.64 -18.56
CA ALA A 225 -7.67 -4.40 -19.09
C ALA A 225 -6.65 -3.54 -19.84
N GLY A 226 -5.36 -3.84 -19.71
CA GLY A 226 -4.33 -3.05 -20.38
C GLY A 226 -4.13 -1.69 -19.76
N VAL A 227 -4.58 -1.53 -18.51
CA VAL A 227 -4.67 -0.24 -17.84
C VAL A 227 -3.71 -0.17 -16.66
N GLY A 228 -3.15 1.01 -16.41
CA GLY A 228 -2.38 1.23 -15.19
C GLY A 228 -1.33 2.29 -15.35
N ALA A 229 -0.52 2.48 -14.30
CA ALA A 229 0.64 3.35 -14.35
C ALA A 229 1.74 2.82 -13.44
N PRO A 230 3.00 2.82 -13.93
CA PRO A 230 4.15 2.38 -13.14
C PRO A 230 4.22 3.13 -11.81
N GLN A 231 4.50 2.41 -10.74
CA GLN A 231 4.25 2.93 -9.40
C GLN A 231 5.08 4.15 -8.97
N ILE A 232 6.33 4.28 -9.41
CA ILE A 232 7.08 5.47 -9.01
C ILE A 232 6.48 6.75 -9.62
N THR A 233 6.22 6.74 -10.93
CA THR A 233 5.57 7.85 -11.63
C THR A 233 4.16 8.13 -11.08
N ALA A 234 3.42 7.08 -10.75
CA ALA A 234 2.10 7.24 -10.16
C ALA A 234 2.14 7.97 -8.81
N ILE A 235 3.11 7.67 -7.96
CA ILE A 235 3.30 8.37 -6.69
C ILE A 235 3.71 9.84 -6.92
N LEU A 236 4.71 10.06 -7.78
CA LEU A 236 5.16 11.43 -8.10
C LEU A 236 4.00 12.31 -8.58
N GLU A 237 3.11 11.75 -9.39
CA GLU A 237 1.98 12.51 -9.91
C GLU A 237 0.88 12.73 -8.87
N ALA A 238 0.54 11.70 -8.11
CA ALA A 238 -0.45 11.84 -7.05
C ALA A 238 0.01 12.87 -6.04
N VAL A 239 1.30 12.82 -5.71
CA VAL A 239 1.90 13.74 -4.74
C VAL A 239 1.88 15.17 -5.23
N ALA A 240 2.05 15.36 -6.54
CA ALA A 240 1.99 16.71 -7.11
C ALA A 240 0.60 17.32 -6.87
N ALA A 241 -0.40 16.47 -6.63
CA ALA A 241 -1.75 16.94 -6.31
C ALA A 241 -2.04 16.96 -4.80
N CYS A 242 -1.61 15.92 -4.10
CA CYS A 242 -1.91 15.77 -2.68
C CYS A 242 -1.05 16.60 -1.73
N ARG A 243 0.23 16.77 -2.04
CA ARG A 243 1.10 17.52 -1.15
C ARG A 243 0.70 18.99 -0.98
N PRO A 244 0.39 19.69 -2.07
CA PRO A 244 -0.09 21.07 -1.91
C PRO A 244 -1.37 21.16 -1.09
N ALA A 245 -2.13 20.06 -1.00
CA ALA A 245 -3.34 20.08 -0.20
C ALA A 245 -3.13 19.49 1.21
N GLY A 246 -1.89 19.13 1.55
CA GLY A 246 -1.58 18.61 2.86
C GLY A 246 -2.18 17.23 3.12
N VAL A 247 -2.37 16.48 2.04
CA VAL A 247 -3.01 15.17 2.11
C VAL A 247 -1.98 14.08 1.83
N PRO A 248 -1.83 13.15 2.79
CA PRO A 248 -0.81 12.09 2.66
C PRO A 248 -1.17 11.01 1.65
N VAL A 249 -0.12 10.49 1.01
CA VAL A 249 -0.24 9.47 -0.01
C VAL A 249 0.23 8.10 0.52
N ILE A 250 -0.62 7.10 0.37
CA ILE A 250 -0.29 5.73 0.70
C ILE A 250 0.12 5.00 -0.58
N ALA A 251 1.38 4.57 -0.67
CA ALA A 251 1.82 3.77 -1.82
C ALA A 251 1.42 2.30 -1.64
N ASP A 252 0.60 1.78 -2.56
CA ASP A 252 -0.02 0.47 -2.37
C ASP A 252 0.29 -0.49 -3.52
N GLY A 253 1.10 -1.51 -3.25
CA GLY A 253 1.30 -2.56 -4.23
C GLY A 253 2.64 -2.49 -4.94
N GLY A 254 3.19 -3.66 -5.26
CA GLY A 254 4.41 -3.74 -6.03
C GLY A 254 5.66 -3.67 -5.19
N LEU A 255 5.50 -3.52 -3.88
CA LEU A 255 6.65 -3.52 -2.98
C LEU A 255 7.11 -4.96 -2.70
N GLN A 256 8.35 -5.26 -3.08
CA GLN A 256 8.91 -6.60 -2.94
C GLN A 256 10.07 -6.65 -1.95
N TYR A 257 10.72 -5.51 -1.72
CA TYR A 257 11.93 -5.46 -0.89
C TYR A 257 11.86 -4.22 0.00
N SER A 258 12.63 -4.20 1.08
CA SER A 258 12.65 -3.03 1.94
C SER A 258 13.07 -1.79 1.17
N GLY A 259 13.99 -1.95 0.20
CA GLY A 259 14.43 -0.82 -0.59
C GLY A 259 13.32 -0.09 -1.33
N ASP A 260 12.33 -0.84 -1.83
CA ASP A 260 11.16 -0.24 -2.51
C ASP A 260 10.35 0.69 -1.59
N ILE A 261 10.25 0.32 -0.33
CA ILE A 261 9.58 1.17 0.64
C ILE A 261 10.28 2.53 0.71
N ALA A 262 11.61 2.53 0.83
CA ALA A 262 12.34 3.79 0.85
C ALA A 262 12.15 4.60 -0.44
N LYS A 263 12.12 3.92 -1.58
CA LYS A 263 11.88 4.59 -2.85
C LYS A 263 10.49 5.21 -2.90
N ALA A 264 9.48 4.49 -2.43
CA ALA A 264 8.11 4.98 -2.44
C ALA A 264 7.98 6.21 -1.56
N LEU A 265 8.60 6.17 -0.39
CA LEU A 265 8.57 7.32 0.52
C LEU A 265 9.32 8.50 -0.07
N ALA A 266 10.50 8.26 -0.64
CA ALA A 266 11.27 9.34 -1.27
C ALA A 266 10.56 9.94 -2.49
N ALA A 267 9.75 9.15 -3.19
CA ALA A 267 8.93 9.71 -4.25
C ALA A 267 7.80 10.58 -3.69
N GLY A 268 7.56 10.51 -2.38
CA GLY A 268 6.65 11.44 -1.76
C GLY A 268 5.50 10.80 -1.01
N ALA A 269 5.41 9.48 -1.06
CA ALA A 269 4.40 8.78 -0.28
C ALA A 269 4.76 8.93 1.18
N SER A 270 3.76 8.85 2.05
CA SER A 270 3.96 8.94 3.50
C SER A 270 3.93 7.58 4.19
N THR A 271 3.22 6.63 3.60
CA THR A 271 3.19 5.26 4.13
C THR A 271 3.16 4.29 2.96
N ALA A 272 3.43 3.02 3.24
CA ALA A 272 3.37 1.99 2.22
C ALA A 272 2.46 0.87 2.70
N MET A 273 1.67 0.32 1.78
CA MET A 273 0.78 -0.80 2.10
C MET A 273 1.29 -2.09 1.46
N LEU A 274 1.37 -3.16 2.26
CA LEU A 274 2.01 -4.39 1.79
C LEU A 274 1.06 -5.56 1.84
N GLY A 275 1.05 -6.35 0.76
CA GLY A 275 0.29 -7.58 0.73
C GLY A 275 1.20 -8.80 0.75
N SER A 276 1.95 -9.02 -0.32
CA SER A 276 2.74 -10.24 -0.43
C SER A 276 3.89 -10.34 0.57
N LEU A 277 4.47 -9.20 0.96
CA LEU A 277 5.57 -9.18 1.95
C LEU A 277 5.08 -9.65 3.32
N LEU A 278 3.79 -9.49 3.58
CA LEU A 278 3.22 -9.84 4.87
C LEU A 278 2.38 -11.11 4.87
N ALA A 279 2.06 -11.60 3.67
CA ALA A 279 1.20 -12.76 3.52
C ALA A 279 1.87 -14.06 3.96
N GLY A 280 3.18 -14.13 3.87
CA GLY A 280 3.86 -15.35 4.30
C GLY A 280 4.02 -15.47 5.80
N THR A 281 3.56 -14.47 6.55
CA THR A 281 3.80 -14.44 7.99
C THR A 281 2.79 -15.25 8.80
N ALA A 282 3.20 -15.64 10.00
CA ALA A 282 2.38 -16.44 10.91
C ALA A 282 1.05 -15.77 11.22
N GLU A 283 1.06 -14.44 11.32
CA GLU A 283 -0.12 -13.69 11.72
C GLU A 283 -1.17 -13.60 10.60
N ALA A 284 -0.73 -13.71 9.34
CA ALA A 284 -1.65 -13.72 8.21
C ALA A 284 -2.61 -14.87 8.34
N PRO A 285 -3.88 -14.65 7.96
CA PRO A 285 -4.89 -15.72 7.99
C PRO A 285 -4.51 -16.80 7.02
N GLY A 286 -4.99 -18.02 7.25
CA GLY A 286 -4.64 -19.14 6.39
C GLY A 286 -3.69 -20.11 7.06
N GLU A 287 -3.75 -21.36 6.61
CA GLU A 287 -2.90 -22.40 7.16
C GLU A 287 -1.57 -22.51 6.40
N LEU A 288 -0.57 -23.08 7.04
CA LEU A 288 0.72 -23.34 6.42
C LEU A 288 0.58 -24.44 5.37
N ILE A 289 1.13 -24.24 4.17
CA ILE A 289 1.16 -25.30 3.17
C ILE A 289 2.52 -25.99 3.12
N PHE A 290 2.52 -27.32 3.09
CA PHE A 290 3.75 -28.11 3.13
C PHE A 290 3.94 -28.95 1.87
N VAL A 291 4.13 -28.29 0.73
CA VAL A 291 4.42 -28.96 -0.53
C VAL A 291 5.93 -29.03 -0.78
N ASN A 292 6.43 -30.24 -1.06
CA ASN A 292 7.86 -30.50 -1.25
C ASN A 292 8.72 -30.39 0.02
N GLY A 293 8.09 -30.53 1.19
CA GLY A 293 8.79 -30.30 2.43
C GLY A 293 9.29 -28.87 2.45
N LYS A 294 8.47 -27.99 1.90
CA LYS A 294 8.74 -26.56 1.88
C LYS A 294 7.49 -25.88 2.41
N GLN A 295 7.64 -24.67 2.94
CA GLN A 295 6.52 -24.01 3.61
C GLN A 295 5.93 -22.83 2.85
N TYR A 296 4.63 -22.89 2.59
CA TYR A 296 3.98 -21.83 1.85
C TYR A 296 2.69 -21.37 2.52
N LYS A 297 2.24 -20.19 2.12
CA LYS A 297 0.92 -19.74 2.50
C LYS A 297 0.18 -19.30 1.26
N SER A 298 -1.13 -19.54 1.25
CA SER A 298 -1.95 -19.07 0.15
C SER A 298 -1.97 -17.55 0.15
N TYR A 299 -1.92 -16.95 -1.03
CA TYR A 299 -2.05 -15.52 -1.21
C TYR A 299 -2.81 -15.29 -2.51
N ARG A 300 -3.85 -14.47 -2.48
CA ARG A 300 -4.69 -14.34 -3.67
C ARG A 300 -5.24 -12.93 -3.78
N GLY A 301 -5.45 -12.48 -5.01
CA GLY A 301 -6.08 -11.19 -5.24
C GLY A 301 -7.52 -11.23 -4.79
N MET A 302 -8.04 -10.08 -4.41
CA MET A 302 -9.44 -10.00 -3.99
C MET A 302 -10.30 -9.97 -5.23
N GLY A 303 -9.66 -9.73 -6.37
CA GLY A 303 -10.34 -9.79 -7.66
C GLY A 303 -10.05 -11.09 -8.35
N SER A 304 -9.55 -12.07 -7.60
CA SER A 304 -9.33 -13.39 -8.17
C SER A 304 -10.62 -14.20 -8.09
N LEU A 305 -10.70 -15.26 -8.89
CA LEU A 305 -11.90 -16.09 -8.98
C LEU A 305 -12.27 -16.73 -7.65
N GLY A 306 -11.27 -17.29 -6.96
CA GLY A 306 -11.52 -17.92 -5.67
C GLY A 306 -12.00 -16.95 -4.60
N ALA A 307 -11.52 -15.71 -4.66
CA ALA A 307 -11.92 -14.70 -3.70
C ALA A 307 -13.36 -14.24 -3.94
N MET A 308 -13.70 -13.95 -5.20
CA MET A 308 -15.01 -13.39 -5.54
C MET A 308 -16.15 -14.36 -5.28
N ARG A 309 -15.85 -15.66 -5.26
CA ARG A 309 -16.87 -16.65 -4.97
C ARG A 309 -16.86 -17.02 -3.49
N ASP A 331 -20.33 -18.81 -15.83
CA ASP A 331 -19.13 -18.24 -15.24
C ASP A 331 -18.79 -16.92 -15.91
N LYS A 332 -19.56 -15.89 -15.56
CA LYS A 332 -19.46 -14.58 -16.17
C LYS A 332 -18.51 -13.58 -15.49
N LEU A 333 -17.90 -13.96 -14.38
CA LEU A 333 -16.95 -13.07 -13.71
C LEU A 333 -15.71 -12.86 -14.55
N VAL A 334 -15.23 -11.62 -14.64
CA VAL A 334 -13.95 -11.36 -15.26
C VAL A 334 -12.95 -10.91 -14.18
N PRO A 335 -12.10 -11.82 -13.76
CA PRO A 335 -11.21 -11.56 -12.63
C PRO A 335 -10.07 -10.63 -13.01
N GLU A 336 -9.56 -9.87 -12.05
CA GLU A 336 -8.40 -9.01 -12.28
C GLU A 336 -7.30 -9.31 -11.26
N GLY A 337 -7.31 -10.56 -10.78
CA GLY A 337 -6.25 -11.03 -9.90
C GLY A 337 -6.10 -12.53 -10.04
N ILE A 338 -5.02 -13.05 -9.48
CA ILE A 338 -4.77 -14.49 -9.45
C ILE A 338 -4.67 -15.02 -8.02
N GLU A 339 -4.77 -16.34 -7.91
CA GLU A 339 -4.64 -17.02 -6.63
C GLU A 339 -3.32 -17.74 -6.69
N GLY A 340 -2.55 -17.66 -5.63
CA GLY A 340 -1.25 -18.31 -5.61
C GLY A 340 -0.74 -18.60 -4.23
N ARG A 341 0.58 -18.73 -4.09
CA ARG A 341 1.18 -18.96 -2.78
C ARG A 341 2.54 -18.28 -2.64
N VAL A 342 2.90 -17.94 -1.42
CA VAL A 342 4.16 -17.27 -1.13
C VAL A 342 4.92 -18.08 -0.10
N PRO A 343 6.27 -17.94 -0.05
CA PRO A 343 7.03 -18.64 0.98
C PRO A 343 6.60 -18.22 2.37
N PHE A 344 6.76 -19.12 3.32
CA PHE A 344 6.45 -18.81 4.70
C PHE A 344 7.62 -18.01 5.23
N ARG A 345 7.34 -16.87 5.83
CA ARG A 345 8.40 -15.99 6.31
C ARG A 345 8.50 -15.85 7.83
N GLY A 346 7.77 -16.64 8.59
CA GLY A 346 7.85 -16.57 10.05
C GLY A 346 7.14 -15.38 10.67
N PRO A 347 7.47 -15.10 11.92
CA PRO A 347 6.80 -14.05 12.70
C PRO A 347 6.77 -12.68 12.02
N LEU A 348 5.63 -12.01 12.09
CA LEU A 348 5.49 -10.66 11.55
C LEU A 348 6.56 -9.73 12.11
N SER A 349 6.70 -9.72 13.43
CA SER A 349 7.65 -8.84 14.12
C SER A 349 9.04 -8.79 13.48
N SER A 350 9.57 -9.95 13.09
CA SER A 350 10.91 -10.02 12.51
C SER A 350 10.94 -9.63 11.04
N VAL A 351 9.80 -9.73 10.36
CA VAL A 351 9.69 -9.20 9.01
C VAL A 351 9.69 -7.67 9.03
N ILE A 352 8.97 -7.11 10.00
CA ILE A 352 8.85 -5.66 10.15
C ILE A 352 10.18 -5.05 10.58
N HIS A 353 10.89 -5.74 11.47
CA HIS A 353 12.22 -5.29 11.87
C HIS A 353 13.16 -5.20 10.68
N GLN A 354 13.04 -6.14 9.74
CA GLN A 354 13.92 -6.13 8.58
C GLN A 354 13.56 -5.01 7.64
N LEU A 355 12.25 -4.80 7.46
CA LEU A 355 11.77 -3.73 6.59
C LEU A 355 12.13 -2.36 7.14
N THR A 356 11.95 -2.15 8.43
CA THR A 356 12.30 -0.85 9.01
C THR A 356 13.81 -0.66 9.01
N GLY A 357 14.56 -1.73 9.24
CA GLY A 357 16.01 -1.67 9.19
C GLY A 357 16.54 -1.28 7.82
N GLY A 358 15.93 -1.81 6.77
CA GLY A 358 16.31 -1.39 5.44
C GLY A 358 15.97 0.08 5.19
N LEU A 359 14.80 0.51 5.67
CA LEU A 359 14.40 1.91 5.57
C LEU A 359 15.34 2.82 6.37
N ARG A 360 15.75 2.35 7.55
CA ARG A 360 16.71 3.11 8.36
C ARG A 360 18.05 3.28 7.64
N ALA A 361 18.49 2.25 6.91
CA ALA A 361 19.74 2.33 6.13
C ALA A 361 19.64 3.38 5.03
N ALA A 362 18.52 3.40 4.34
CA ALA A 362 18.25 4.39 3.29
C ALA A 362 18.26 5.81 3.83
N MET A 363 17.74 5.99 5.04
CA MET A 363 17.74 7.31 5.66
C MET A 363 19.14 7.77 6.03
N GLY A 364 19.98 6.86 6.53
CA GLY A 364 21.38 7.15 6.76
C GLY A 364 22.10 7.50 5.45
N TYR A 365 21.87 6.72 4.40
CA TYR A 365 22.49 6.97 3.10
C TYR A 365 22.06 8.31 2.49
N THR A 366 20.80 8.70 2.64
CA THR A 366 20.33 9.95 2.05
C THR A 366 20.39 11.15 2.99
N GLY A 367 20.85 10.93 4.22
CA GLY A 367 20.96 12.01 5.20
C GLY A 367 19.62 12.52 5.69
N SER A 368 18.64 11.62 5.76
CA SER A 368 17.28 11.97 6.15
C SER A 368 17.01 11.59 7.59
N PRO A 369 16.92 12.59 8.48
CA PRO A 369 16.68 12.30 9.89
C PRO A 369 15.24 11.83 10.12
N THR A 370 14.33 12.25 9.24
CA THR A 370 12.91 11.92 9.35
C THR A 370 12.35 11.55 7.96
N ILE A 371 11.14 10.98 7.92
CA ILE A 371 10.48 10.65 6.65
C ILE A 371 10.29 11.89 5.77
N GLU A 372 10.00 13.02 6.39
CA GLU A 372 9.77 14.27 5.69
C GLU A 372 10.97 14.74 4.87
N VAL A 373 12.17 14.49 5.37
CA VAL A 373 13.39 14.83 4.65
C VAL A 373 13.66 13.77 3.57
N LEU A 374 13.39 12.50 3.88
CA LEU A 374 13.50 11.43 2.88
C LEU A 374 12.67 11.72 1.63
N GLN A 375 11.52 12.35 1.83
CA GLN A 375 10.61 12.72 0.75
C GLN A 375 11.23 13.77 -0.17
N GLN A 376 12.38 14.31 0.22
CA GLN A 376 13.09 15.29 -0.60
C GLN A 376 14.31 14.69 -1.30
N ALA A 377 14.49 13.38 -1.22
CA ALA A 377 15.67 12.74 -1.79
C ALA A 377 15.57 12.66 -3.32
N GLN A 378 16.69 12.39 -3.98
CA GLN A 378 16.74 12.30 -5.44
C GLN A 378 16.97 10.88 -5.93
N PHE A 379 16.52 10.61 -7.16
CA PHE A 379 16.67 9.31 -7.79
C PHE A 379 17.72 9.38 -8.90
N VAL A 380 18.36 8.26 -9.17
CA VAL A 380 19.04 8.07 -10.44
C VAL A 380 18.25 6.98 -11.17
N ARG A 381 18.02 7.21 -12.46
CA ARG A 381 17.31 6.21 -13.25
C ARG A 381 18.31 5.18 -13.76
N ILE A 382 17.91 3.92 -13.84
CA ILE A 382 18.83 2.89 -14.27
C ILE A 382 18.29 2.15 -15.49
N THR A 383 19.14 1.34 -16.12
CA THR A 383 18.78 0.57 -17.32
C THR A 383 18.53 -0.88 -16.88
N PRO A 384 18.15 -1.76 -17.83
CA PRO A 384 18.08 -3.18 -17.40
C PRO A 384 19.38 -3.71 -16.80
N ALA A 385 20.53 -3.25 -17.31
CA ALA A 385 21.82 -3.73 -16.83
C ALA A 385 22.13 -3.25 -15.41
N GLY A 386 21.64 -2.07 -15.05
CA GLY A 386 21.87 -1.54 -13.72
C GLY A 386 21.09 -2.28 -12.65
N LEU A 387 19.96 -2.86 -13.04
CA LEU A 387 19.15 -3.66 -12.12
C LEU A 387 19.87 -4.95 -11.80
N LYS A 388 20.40 -5.59 -12.84
CA LYS A 388 21.22 -6.80 -12.70
C LYS A 388 22.35 -6.59 -11.71
N GLU A 389 23.05 -5.46 -11.84
CA GLU A 389 24.13 -5.07 -10.96
C GLU A 389 23.68 -4.80 -9.52
N SER A 390 22.48 -4.23 -9.40
CA SER A 390 21.92 -3.76 -8.13
C SER A 390 21.57 -4.92 -7.21
N HIS A 391 21.02 -5.98 -7.81
CA HIS A 391 20.88 -7.25 -7.12
C HIS A 391 22.24 -7.92 -7.04
N PRO A 392 22.43 -8.86 -6.09
CA PRO A 392 23.69 -9.58 -6.16
C PRO A 392 23.73 -10.39 -7.45
N HIS A 393 24.92 -10.55 -8.01
CA HIS A 393 25.08 -11.21 -9.31
C HIS A 393 26.32 -12.09 -9.31
N ASP A 394 26.33 -13.10 -10.19
CA ASP A 394 27.54 -13.90 -10.44
C ASP A 394 28.08 -14.65 -9.23
N VAL A 395 27.16 -15.13 -8.41
CA VAL A 395 27.49 -15.93 -7.23
C VAL A 395 26.31 -16.84 -6.97
N ALA A 396 26.56 -18.06 -6.53
CA ALA A 396 25.49 -18.92 -6.07
C ALA A 396 25.25 -18.61 -4.61
N MET A 397 24.05 -18.09 -4.29
CA MET A 397 23.68 -17.81 -2.91
C MET A 397 23.46 -19.12 -2.17
N THR A 398 24.28 -19.36 -1.15
CA THR A 398 24.35 -20.66 -0.49
C THR A 398 23.74 -20.66 0.92
N VAL A 399 23.72 -19.50 1.57
CA VAL A 399 23.12 -19.37 2.90
C VAL A 399 21.92 -18.42 2.83
N GLU A 400 20.92 -18.69 3.66
CA GLU A 400 19.70 -17.88 3.72
C GLU A 400 19.96 -16.47 4.26
N ALA A 401 19.34 -15.48 3.63
CA ALA A 401 19.39 -14.10 4.10
C ALA A 401 18.01 -13.66 4.55
N PRO A 402 17.92 -12.96 5.70
CA PRO A 402 16.63 -12.52 6.25
C PRO A 402 15.94 -11.45 5.40
N ASN A 403 16.68 -10.54 4.78
CA ASN A 403 16.10 -9.49 3.94
C ASN A 403 16.36 -9.68 2.44
N TYR A 404 16.92 -10.83 2.06
CA TYR A 404 17.08 -11.20 0.66
C TYR A 404 17.18 -12.71 0.48
P IMP B . 1.33 -6.59 -3.34
O1P IMP B . 2.31 -6.11 -4.39
O2P IMP B . 1.03 -8.07 -3.32
O3P IMP B . 1.82 -6.18 -1.98
O5' IMP B . -0.04 -5.85 -3.70
C5' IMP B . -1.09 -5.78 -2.77
C4' IMP B . -2.12 -4.80 -3.26
O4' IMP B . -2.73 -5.26 -4.48
C3' IMP B . -3.31 -4.57 -2.34
O3' IMP B . -2.98 -3.73 -1.24
C2' IMP B . -4.37 -3.99 -3.29
O2' IMP B . -4.15 -2.60 -3.49
C1' IMP B . -4.04 -4.72 -4.60
N9 IMP B . -4.95 -5.84 -4.88
C8 IMP B . -5.44 -6.80 -4.04
N7 IMP B . -6.21 -7.64 -4.79
C5 IMP B . -6.19 -7.24 -6.07
C6 IMP B . -6.77 -7.74 -7.22
O6 IMP B . -7.12 -8.94 -7.25
N1 IMP B . -6.55 -7.09 -8.41
C2 IMP B . -5.75 -5.96 -8.45
N3 IMP B . -5.16 -5.47 -7.31
C4 IMP B . -5.39 -6.11 -6.15
C18 4QO C . -12.92 -1.74 -13.10
C17 4QO C . -13.55 -2.44 -12.08
C19 4QO C . -13.32 -0.45 -13.45
C11 4QO C . -12.61 -8.16 -10.59
C12 4QO C . -14.53 -7.09 -9.50
C1 4QO C . -11.04 -5.76 -8.95
C2 4QO C . -12.20 -6.52 -8.77
C3 4QO C . -12.53 -6.96 -7.49
C4 4QO C . -11.71 -6.63 -6.40
C5 4QO C . -10.55 -5.88 -6.59
C6 4QO C . -10.21 -5.44 -7.87
C7 4QO C . -8.98 -4.60 -8.11
C8 4QO C . -8.50 -4.32 -9.51
C9 4QO C . -8.32 -4.11 -7.08
C10 4QO C . -13.09 -6.86 -9.95
C14 4QO C . -13.36 -4.52 -10.78
O1 4QO C . -13.90 -4.15 -9.75
N2 4QO C . -13.09 -3.69 -11.80
C22 4QO C . -14.63 -1.84 -11.42
C21 4QO C . -15.03 -0.55 -11.78
C23 4QO C . -16.19 0.04 -11.03
O2 4QO C . -17.31 -0.42 -11.23
N3 4QO C . -15.97 1.02 -10.16
C26 4QO C . -14.63 1.44 -9.74
C27 4QO C . -17.07 1.75 -9.53
C20 4QO C . -14.38 0.14 -12.80
CL1 4QO C . -14.89 1.80 -13.31
N1 4QO C . -13.01 -5.80 -10.96
#